data_2IY9
#
_entry.id   2IY9
#
_cell.length_a   44.967
_cell.length_b   78.987
_cell.length_c   95.782
_cell.angle_alpha   90.00
_cell.angle_beta   90.00
_cell.angle_gamma   90.00
#
_symmetry.space_group_name_H-M   'P 21 21 21'
#
loop_
_entity.id
_entity.type
_entity.pdbx_description
1 polymer SUBA
2 water water
#
_entity_poly.entity_id   1
_entity_poly.type   'polypeptide(L)'
_entity_poly.pdbx_seq_one_letter_code
;MLKILWTYILFLLFISASARAEKPWYFDAIGLTETTMSLTDKNTPVVVSVVDSGVAFIGGLSDSEFAKFSFTQDGSPFPV
KKSEALYIHGTAMASLIASRYGIYGVYPHALISSRRVIPDGVQDSWIRAIESIMSNVFLAPGEEKIINISGGQKGVASAS
VWTELLSRMGRNNDRLIVAAVGNDGADIRKLSAQQRIWPAAYHPVSSVNKKQDPVIRVAALAQYRKGETPVLHGGGITGS
RFGNNWVDIAAPGQNITFLRPDAKTGTGSGTSEATAIVSGVLAAMTSCNPRATATELKRTLLESADKYPSLVDKVTEGRV
LNAEKAISMFCKKNYIPVRQGRMSEEL
;
_entity_poly.pdbx_strand_id   A
#
# COMPACT_ATOMS: atom_id res chain seq x y z
N LYS A 23 7.75 18.31 -7.06
CA LYS A 23 8.37 17.13 -6.39
C LYS A 23 8.56 16.01 -7.46
N PRO A 24 8.34 14.71 -7.12
CA PRO A 24 8.26 13.78 -8.25
C PRO A 24 7.05 13.98 -9.17
N TRP A 25 7.14 13.45 -10.39
CA TRP A 25 6.09 13.60 -11.40
C TRP A 25 4.68 13.28 -10.90
N TYR A 26 4.56 12.29 -10.02
CA TYR A 26 3.24 11.81 -9.63
C TYR A 26 2.46 12.70 -8.66
N PHE A 27 3.14 13.64 -8.02
CA PHE A 27 2.44 14.59 -7.15
C PHE A 27 1.39 15.40 -7.93
N ASP A 28 1.82 16.09 -9.00
CA ASP A 28 0.87 16.83 -9.83
C ASP A 28 -0.12 15.89 -10.52
N ALA A 29 0.36 14.71 -10.94
CA ALA A 29 -0.49 13.75 -11.67
C ALA A 29 -1.70 13.30 -10.85
N ILE A 30 -1.51 13.15 -9.53
CA ILE A 30 -2.60 12.72 -8.65
C ILE A 30 -3.26 13.84 -7.84
N GLY A 31 -2.81 15.08 -8.04
CA GLY A 31 -3.42 16.24 -7.39
C GLY A 31 -2.96 16.41 -5.94
N LEU A 32 -1.75 15.97 -5.66
CA LEU A 32 -1.18 16.11 -4.32
C LEU A 32 -0.46 17.45 -4.25
N THR A 33 -1.28 18.50 -4.29
CA THR A 33 -0.84 19.89 -4.31
C THR A 33 -0.78 20.45 -2.89
N GLU A 34 -0.22 21.65 -2.79
CA GLU A 34 -0.11 22.36 -1.51
C GLU A 34 -1.47 22.51 -0.85
N THR A 35 -2.48 22.94 -1.61
CA THR A 35 -3.82 23.18 -1.05
C THR A 35 -4.50 21.90 -0.60
N THR A 36 -4.22 20.80 -1.31
CA THR A 36 -4.70 19.46 -0.94
C THR A 36 -4.13 19.10 0.43
N MET A 37 -2.83 19.28 0.59
CA MET A 37 -2.13 18.91 1.82
C MET A 37 -2.52 19.79 3.01
N SER A 38 -2.91 21.04 2.72
CA SER A 38 -3.37 21.97 3.75
C SER A 38 -4.64 21.49 4.46
N LEU A 39 -5.41 20.63 3.78
CA LEU A 39 -6.65 20.06 4.33
C LEU A 39 -6.45 18.96 5.38
N THR A 40 -5.23 18.43 5.47
CA THR A 40 -4.91 17.37 6.42
C THR A 40 -4.59 17.93 7.82
N ASP A 41 -4.74 17.09 8.84
CA ASP A 41 -4.53 17.47 10.23
C ASP A 41 -3.21 16.87 10.73
N LYS A 42 -2.15 17.67 10.69
CA LYS A 42 -0.80 17.24 11.10
C LYS A 42 -0.68 17.03 12.61
N ASN A 43 -1.71 17.47 13.34
CA ASN A 43 -1.74 17.33 14.79
C ASN A 43 -2.29 16.00 15.25
N THR A 44 -2.80 15.21 14.30
CA THR A 44 -3.30 13.87 14.58
C THR A 44 -2.28 12.86 14.10
N PRO A 45 -1.68 12.11 15.03
CA PRO A 45 -0.65 11.15 14.61
C PRO A 45 -1.25 10.03 13.77
N VAL A 46 -0.55 9.71 12.69
CA VAL A 46 -0.94 8.64 11.80
C VAL A 46 0.28 7.78 11.59
N VAL A 47 0.16 6.50 11.91
CA VAL A 47 1.24 5.53 11.74
C VAL A 47 0.80 4.54 10.66
N VAL A 48 1.57 4.46 9.59
CA VAL A 48 1.31 3.48 8.56
C VAL A 48 2.13 2.23 8.83
N SER A 49 1.48 1.08 8.79
CA SER A 49 2.18 -0.18 8.96
C SER A 49 2.90 -0.56 7.66
N VAL A 50 4.19 -0.85 7.74
CA VAL A 50 4.93 -1.30 6.56
C VAL A 50 5.34 -2.75 6.78
N VAL A 51 4.55 -3.65 6.19
CA VAL A 51 4.74 -5.09 6.33
C VAL A 51 5.60 -5.50 5.13
N ASP A 52 6.86 -5.79 5.41
CA ASP A 52 7.87 -5.81 4.35
C ASP A 52 9.18 -6.41 4.83
N SER A 53 10.30 -6.00 4.21
CA SER A 53 11.59 -6.62 4.46
C SER A 53 12.42 -5.91 5.55
N GLY A 54 11.80 -4.98 6.26
CA GLY A 54 12.48 -4.21 7.31
C GLY A 54 12.83 -2.81 6.84
N VAL A 55 12.87 -1.87 7.78
CA VAL A 55 13.05 -0.46 7.43
C VAL A 55 14.29 0.12 8.12
N ALA A 56 15.12 0.80 7.33
CA ALA A 56 16.27 1.54 7.82
C ALA A 56 15.83 2.98 8.01
N PHE A 57 15.74 3.39 9.28
CA PHE A 57 15.28 4.74 9.61
C PHE A 57 16.43 5.74 9.53
N ILE A 58 16.83 6.02 8.29
CA ILE A 58 17.98 6.86 7.94
C ILE A 58 17.51 7.91 6.92
N GLY A 59 18.33 8.94 6.67
CA GLY A 59 17.98 9.97 5.71
C GLY A 59 16.64 10.61 6.04
N GLY A 60 15.79 10.75 5.01
CA GLY A 60 14.43 11.30 5.16
C GLY A 60 13.49 10.55 6.09
N LEU A 61 13.87 9.33 6.46
CA LEU A 61 13.12 8.51 7.42
C LEU A 61 13.69 8.57 8.84
N SER A 62 14.65 9.46 9.05
CA SER A 62 15.39 9.55 10.31
C SER A 62 14.52 9.77 11.52
N ASP A 63 13.42 10.50 11.34
CA ASP A 63 12.48 10.82 12.42
C ASP A 63 11.11 10.13 12.25
N SER A 64 11.07 9.05 11.48
CA SER A 64 9.81 8.43 11.08
C SER A 64 9.39 7.21 11.91
N GLU A 65 10.29 6.71 12.75
CA GLU A 65 10.00 5.46 13.45
C GLU A 65 8.95 5.61 14.56
N PHE A 66 7.92 4.79 14.47
CA PHE A 66 6.97 4.59 15.57
C PHE A 66 7.31 3.31 16.33
N ALA A 67 7.46 2.21 15.59
CA ALA A 67 7.86 0.94 16.13
C ALA A 67 8.49 0.10 15.05
N LYS A 68 9.16 -0.98 15.46
CA LYS A 68 9.67 -1.97 14.54
C LYS A 68 9.57 -3.35 15.17
N PHE A 69 9.19 -4.33 14.35
CA PHE A 69 8.95 -5.71 14.78
C PHE A 69 9.60 -6.70 13.85
N SER A 70 9.94 -7.88 14.39
CA SER A 70 10.42 -9.01 13.61
C SER A 70 9.42 -10.14 13.57
N PHE A 71 9.20 -10.66 12.36
CA PHE A 71 8.46 -11.90 12.17
C PHE A 71 9.31 -12.83 11.32
N THR A 72 10.62 -12.69 11.46
CA THR A 72 11.57 -13.48 10.71
C THR A 72 12.34 -14.38 11.66
N GLN A 73 12.98 -15.41 11.09
CA GLN A 73 13.59 -16.48 11.86
C GLN A 73 14.87 -16.07 12.60
N ASP A 74 15.45 -14.95 12.18
CA ASP A 74 16.61 -14.38 12.85
C ASP A 74 16.25 -13.46 14.03
N GLY A 75 14.96 -13.24 14.24
CA GLY A 75 14.45 -12.37 15.30
C GLY A 75 14.76 -10.88 15.14
N SER A 76 15.26 -10.51 13.96
CA SER A 76 15.69 -9.13 13.70
C SER A 76 14.64 -8.27 12.99
N PRO A 77 14.45 -7.02 13.47
CA PRO A 77 13.55 -6.06 12.83
C PRO A 77 14.22 -5.28 11.68
N PHE A 78 15.53 -5.49 11.50
CA PHE A 78 16.30 -4.73 10.52
C PHE A 78 16.44 -5.48 9.21
N PRO A 79 16.55 -4.76 8.07
CA PRO A 79 16.71 -5.48 6.82
C PRO A 79 18.10 -6.11 6.70
N VAL A 80 18.17 -7.22 5.96
CA VAL A 80 19.42 -7.97 5.80
C VAL A 80 19.87 -7.96 4.34
N LYS A 81 21.13 -8.33 4.13
CA LYS A 81 21.79 -8.24 2.83
C LYS A 81 21.69 -9.53 2.01
N LYS A 82 20.82 -10.45 2.43
CA LYS A 82 20.64 -11.74 1.72
C LYS A 82 20.39 -11.51 0.23
N SER A 83 19.55 -10.54 -0.07
CA SER A 83 19.28 -10.14 -1.43
C SER A 83 19.32 -8.63 -1.46
N GLU A 84 19.84 -8.06 -2.55
CA GLU A 84 19.87 -6.61 -2.68
C GLU A 84 18.46 -6.02 -2.70
N ALA A 85 17.57 -6.63 -3.48
CA ALA A 85 16.18 -6.18 -3.55
C ALA A 85 15.53 -6.19 -2.18
N LEU A 86 15.70 -7.27 -1.43
CA LEU A 86 15.10 -7.37 -0.10
C LEU A 86 15.80 -6.51 0.95
N TYR A 87 17.08 -6.19 0.72
CA TYR A 87 17.79 -5.26 1.61
C TYR A 87 17.12 -3.89 1.58
N ILE A 88 16.67 -3.49 0.38
CA ILE A 88 16.21 -2.12 0.15
C ILE A 88 14.70 -1.93 0.21
N HIS A 89 13.95 -3.02 0.05
CA HIS A 89 12.54 -2.92 -0.31
C HIS A 89 11.67 -2.22 0.74
N GLY A 90 11.78 -2.63 2.01
CA GLY A 90 11.02 -2.01 3.09
C GLY A 90 11.30 -0.52 3.22
N THR A 91 12.59 -0.17 3.20
CA THR A 91 13.03 1.24 3.29
C THR A 91 12.49 2.06 2.10
N ALA A 92 12.56 1.49 0.90
CA ALA A 92 12.00 2.11 -0.29
C ALA A 92 10.52 2.47 -0.09
N MET A 93 9.72 1.50 0.36
CA MET A 93 8.28 1.69 0.52
C MET A 93 7.95 2.74 1.59
N ALA A 94 8.61 2.60 2.74
CA ALA A 94 8.52 3.56 3.82
C ALA A 94 8.84 4.96 3.33
N SER A 95 9.87 5.09 2.49
CA SER A 95 10.25 6.41 1.98
C SER A 95 9.14 7.01 1.12
N LEU A 96 8.51 6.19 0.26
CA LEU A 96 7.45 6.68 -0.61
C LEU A 96 6.22 7.17 0.16
N ILE A 97 5.94 6.51 1.29
CA ILE A 97 4.85 6.88 2.17
C ILE A 97 5.17 8.14 2.97
N ALA A 98 6.37 8.19 3.56
CA ALA A 98 6.60 9.12 4.68
C ALA A 98 7.89 9.95 4.71
N SER A 99 8.80 9.76 3.75
CA SER A 99 10.09 10.48 3.82
C SER A 99 9.93 12.00 3.93
N ARG A 100 10.70 12.61 4.82
CA ARG A 100 10.55 14.05 5.12
C ARG A 100 11.50 14.95 4.34
N TYR A 101 12.49 14.34 3.73
CA TYR A 101 13.40 15.06 2.83
C TYR A 101 14.16 14.06 1.98
N GLY A 102 14.68 14.52 0.85
CA GLY A 102 15.35 13.64 -0.11
C GLY A 102 14.26 13.09 -0.98
N ILE A 103 13.77 11.91 -0.63
CA ILE A 103 12.53 11.41 -1.20
C ILE A 103 11.34 12.22 -0.65
N TYR A 104 10.39 12.58 -1.53
CA TYR A 104 9.19 13.28 -1.12
C TYR A 104 8.10 12.27 -0.79
N GLY A 105 7.90 12.02 0.50
CA GLY A 105 6.85 11.13 0.93
C GLY A 105 5.50 11.75 0.61
N VAL A 106 4.53 10.89 0.28
CA VAL A 106 3.16 11.35 0.03
C VAL A 106 2.57 12.08 1.23
N TYR A 107 2.77 11.53 2.43
CA TYR A 107 2.32 12.17 3.66
C TYR A 107 3.46 12.18 4.69
N PRO A 108 4.36 13.18 4.57
CA PRO A 108 5.56 13.20 5.43
C PRO A 108 5.29 13.38 6.92
N HIS A 109 4.07 13.76 7.31
CA HIS A 109 3.68 13.83 8.72
C HIS A 109 3.47 12.45 9.35
N ALA A 110 3.26 11.44 8.51
CA ALA A 110 3.03 10.07 8.99
C ALA A 110 4.27 9.49 9.66
N LEU A 111 4.05 8.54 10.55
CA LEU A 111 5.10 7.72 11.10
C LEU A 111 4.96 6.31 10.52
N ILE A 112 5.96 5.47 10.77
CA ILE A 112 6.04 4.15 10.17
C ILE A 112 6.23 3.10 11.27
N SER A 113 5.43 2.05 11.20
CA SER A 113 5.64 0.86 12.03
C SER A 113 6.10 -0.27 11.11
N SER A 114 7.37 -0.63 11.24
CA SER A 114 7.97 -1.65 10.39
C SER A 114 7.71 -3.04 10.95
N ARG A 115 7.17 -3.91 10.10
CA ARG A 115 6.92 -5.28 10.50
C ARG A 115 7.64 -6.17 9.49
N ARG A 116 8.81 -6.65 9.90
CA ARG A 116 9.64 -7.41 8.96
C ARG A 116 9.16 -8.85 8.85
N VAL A 117 8.82 -9.26 7.63
CA VAL A 117 8.26 -10.61 7.39
C VAL A 117 9.08 -11.48 6.41
N ILE A 118 10.03 -10.83 5.73
CA ILE A 118 10.92 -11.44 4.75
C ILE A 118 12.31 -10.77 4.84
N PRO A 119 13.38 -11.45 4.38
CA PRO A 119 13.40 -12.84 3.96
C PRO A 119 13.41 -13.74 5.19
N ASP A 120 13.32 -15.05 4.97
CA ASP A 120 13.38 -16.03 6.05
C ASP A 120 12.33 -15.78 7.13
N GLY A 121 11.10 -15.48 6.70
CA GLY A 121 10.02 -15.31 7.66
C GLY A 121 9.73 -16.60 8.41
N VAL A 122 9.10 -16.46 9.56
CA VAL A 122 8.48 -17.59 10.22
C VAL A 122 7.35 -18.01 9.29
N GLN A 123 6.75 -19.19 9.49
CA GLN A 123 5.68 -19.59 8.58
C GLN A 123 4.53 -18.60 8.72
N ASP A 124 3.96 -18.22 7.58
CA ASP A 124 2.83 -17.31 7.52
C ASP A 124 3.17 -15.96 8.19
N SER A 125 4.42 -15.55 8.04
CA SER A 125 4.94 -14.36 8.72
C SER A 125 4.06 -13.14 8.41
N TRP A 126 3.65 -13.02 7.15
CA TRP A 126 2.68 -12.02 6.70
C TRP A 126 1.45 -12.02 7.59
N ILE A 127 0.90 -13.21 7.87
CA ILE A 127 -0.28 -13.34 8.72
C ILE A 127 0.01 -13.03 10.19
N ARG A 128 1.14 -13.53 10.71
CA ARG A 128 1.54 -13.23 12.09
C ARG A 128 1.68 -11.72 12.31
N ALA A 129 2.24 -11.03 11.32
CA ALA A 129 2.42 -9.58 11.36
C ALA A 129 1.08 -8.88 11.54
N ILE A 130 0.08 -9.33 10.79
CA ILE A 130 -1.25 -8.73 10.81
C ILE A 130 -2.01 -9.07 12.10
N GLU A 131 -1.95 -10.35 12.49
CA GLU A 131 -2.54 -10.79 13.77
C GLU A 131 -2.02 -9.96 14.94
N SER A 132 -0.74 -9.58 14.87
CA SER A 132 -0.11 -8.77 15.92
C SER A 132 -0.73 -7.37 16.01
N ILE A 133 -1.01 -6.76 14.87
CA ILE A 133 -1.77 -5.50 14.85
C ILE A 133 -3.16 -5.70 15.45
N MET A 134 -3.84 -6.73 14.97
CA MET A 134 -5.24 -6.94 15.28
C MET A 134 -5.53 -7.16 16.76
N SER A 135 -4.58 -7.79 17.46
CA SER A 135 -4.75 -8.09 18.88
C SER A 135 -4.20 -7.01 19.83
N ASN A 136 -3.64 -5.95 19.26
CA ASN A 136 -3.05 -4.87 20.05
C ASN A 136 -4.08 -3.78 20.33
N VAL A 137 -4.70 -3.82 21.52
CA VAL A 137 -5.70 -2.81 21.91
C VAL A 137 -5.08 -1.48 22.35
N PHE A 138 -3.76 -1.44 22.47
CA PHE A 138 -3.11 -0.22 22.93
C PHE A 138 -2.74 0.75 21.82
N LEU A 139 -2.98 0.32 20.58
CA LEU A 139 -2.88 1.19 19.41
C LEU A 139 -4.05 2.19 19.40
N ALA A 140 -3.71 3.47 19.33
CA ALA A 140 -4.69 4.54 19.27
C ALA A 140 -5.31 4.56 17.87
N PRO A 141 -6.48 5.23 17.71
CA PRO A 141 -7.08 5.34 16.38
C PRO A 141 -6.09 6.04 15.46
N GLY A 142 -5.89 5.53 14.25
CA GLY A 142 -4.90 6.13 13.35
C GLY A 142 -3.51 5.50 13.42
N GLU A 143 -3.26 4.73 14.46
CA GLU A 143 -1.99 3.97 14.59
C GLU A 143 -2.18 2.59 13.95
N GLU A 144 -1.51 2.38 12.82
CA GLU A 144 -1.57 1.12 12.05
C GLU A 144 -3.00 0.76 11.58
N LYS A 145 -3.77 1.80 11.28
CA LYS A 145 -5.08 1.65 10.64
C LYS A 145 -4.89 1.30 9.16
N ILE A 146 -3.91 1.96 8.55
CA ILE A 146 -3.55 1.72 7.18
C ILE A 146 -2.34 0.81 7.16
N ILE A 147 -2.52 -0.37 6.57
CA ILE A 147 -1.51 -1.41 6.53
C ILE A 147 -1.00 -1.62 5.11
N ASN A 148 0.26 -1.29 4.88
CA ASN A 148 0.87 -1.37 3.57
C ASN A 148 1.56 -2.70 3.34
N ILE A 149 1.10 -3.41 2.31
CA ILE A 149 1.68 -4.68 1.93
C ILE A 149 2.08 -4.61 0.45
N SER A 150 3.26 -4.04 0.20
CA SER A 150 3.83 -3.90 -1.13
C SER A 150 4.49 -5.23 -1.57
N GLY A 151 3.66 -6.26 -1.70
CA GLY A 151 4.14 -7.60 -2.03
C GLY A 151 3.16 -8.58 -1.43
N GLY A 152 3.69 -9.68 -0.90
CA GLY A 152 2.86 -10.67 -0.26
C GLY A 152 3.31 -12.09 -0.55
N GLN A 153 2.38 -13.03 -0.37
CA GLN A 153 2.68 -14.44 -0.39
C GLN A 153 1.99 -15.12 -1.57
N LYS A 154 2.75 -15.92 -2.33
CA LYS A 154 2.14 -16.81 -3.30
C LYS A 154 2.41 -18.28 -2.93
N GLY A 155 1.91 -19.20 -3.75
CA GLY A 155 2.01 -20.62 -3.44
C GLY A 155 1.05 -20.98 -2.33
N VAL A 156 -0.07 -20.26 -2.29
CA VAL A 156 -1.09 -20.46 -1.27
C VAL A 156 -2.13 -21.49 -1.76
N SER A 158 -6.39 -24.14 0.65
CA SER A 158 -6.00 -23.64 1.97
C SER A 158 -5.44 -22.23 1.91
N ALA A 159 -6.23 -21.33 1.35
CA ALA A 159 -6.10 -19.90 1.57
C ALA A 159 -6.92 -19.62 2.82
N SER A 160 -7.15 -20.69 3.58
CA SER A 160 -8.04 -20.74 4.71
C SER A 160 -7.62 -19.80 5.82
N VAL A 161 -6.33 -19.72 6.10
CA VAL A 161 -5.82 -18.83 7.17
C VAL A 161 -5.97 -17.36 6.76
N TRP A 162 -5.63 -17.04 5.50
CA TRP A 162 -5.81 -15.69 4.96
C TRP A 162 -7.29 -15.28 4.93
N THR A 163 -8.15 -16.17 4.42
CA THR A 163 -9.56 -15.87 4.25
C THR A 163 -10.27 -15.66 5.59
N GLU A 164 -9.93 -16.47 6.58
CA GLU A 164 -10.47 -16.29 7.93
C GLU A 164 -10.08 -14.90 8.48
N LEU A 165 -8.80 -14.57 8.37
CA LEU A 165 -8.26 -13.32 8.94
C LEU A 165 -8.86 -12.09 8.27
N LEU A 166 -8.93 -12.12 6.93
CA LEU A 166 -9.42 -10.96 6.19
C LEU A 166 -10.91 -10.73 6.37
N SER A 167 -11.69 -11.80 6.39
CA SER A 167 -13.15 -11.65 6.61
C SER A 167 -13.41 -11.13 8.03
N ARG A 168 -12.63 -11.60 8.99
CA ARG A 168 -12.69 -11.09 10.37
C ARG A 168 -12.31 -9.60 10.46
N MET A 169 -11.18 -9.23 9.84
CA MET A 169 -10.79 -7.80 9.82
C MET A 169 -11.90 -6.98 9.16
N GLY A 170 -12.53 -7.55 8.12
CA GLY A 170 -13.65 -6.89 7.44
C GLY A 170 -14.81 -6.61 8.39
N ARG A 171 -15.20 -7.63 9.14
CA ARG A 171 -16.25 -7.48 10.14
C ARG A 171 -15.93 -6.41 11.18
N ASN A 172 -14.67 -6.34 11.60
CA ASN A 172 -14.19 -5.35 12.57
C ASN A 172 -14.34 -3.92 12.05
N ASN A 173 -14.18 -3.76 10.74
CA ASN A 173 -14.42 -2.48 10.07
C ASN A 173 -13.53 -1.34 10.59
N ASP A 174 -12.31 -1.67 11.00
CA ASP A 174 -11.43 -0.69 11.63
C ASP A 174 -10.16 -0.41 10.82
N ARG A 175 -9.66 -1.42 10.13
CA ARG A 175 -8.36 -1.29 9.45
C ARG A 175 -8.45 -1.67 7.97
N LEU A 176 -7.51 -1.14 7.19
CA LEU A 176 -7.42 -1.41 5.77
C LEU A 176 -6.07 -1.99 5.39
N ILE A 177 -6.11 -2.94 4.46
CA ILE A 177 -4.87 -3.49 3.92
C ILE A 177 -4.74 -3.03 2.48
N VAL A 178 -3.64 -2.34 2.21
CA VAL A 178 -3.33 -1.88 0.87
C VAL A 178 -2.31 -2.86 0.30
N ALA A 179 -2.73 -3.61 -0.72
CA ALA A 179 -2.00 -4.77 -1.22
C ALA A 179 -1.67 -4.68 -2.71
N ALA A 180 -0.38 -4.83 -3.04
CA ALA A 180 0.08 -4.85 -4.43
C ALA A 180 -0.45 -6.10 -5.12
N VAL A 181 -0.88 -5.97 -6.38
CA VAL A 181 -1.38 -7.14 -7.12
C VAL A 181 -0.23 -7.95 -7.74
N GLY A 182 0.98 -7.40 -7.65
CA GLY A 182 2.18 -8.14 -8.10
C GLY A 182 2.66 -7.75 -9.48
N ASN A 183 3.90 -8.11 -9.78
CA ASN A 183 4.51 -7.76 -11.07
C ASN A 183 4.59 -8.96 -12.00
N ASP A 184 4.84 -8.66 -13.28
CA ASP A 184 5.13 -9.59 -14.41
C ASP A 184 4.13 -9.45 -15.56
N GLY A 185 3.16 -8.56 -15.39
CA GLY A 185 2.17 -8.26 -16.42
C GLY A 185 1.12 -9.33 -16.68
N ALA A 186 1.06 -10.35 -15.83
CA ALA A 186 0.07 -11.41 -16.03
C ALA A 186 -1.37 -10.94 -15.77
N ASP A 187 -2.31 -11.53 -16.51
CA ASP A 187 -3.75 -11.35 -16.24
C ASP A 187 -4.14 -12.26 -15.08
N ILE A 188 -4.46 -11.64 -13.94
CA ILE A 188 -4.80 -12.35 -12.69
C ILE A 188 -5.98 -13.34 -12.86
N ARG A 189 -6.88 -13.02 -13.79
CA ARG A 189 -8.02 -13.89 -14.08
C ARG A 189 -7.59 -15.26 -14.65
N LYS A 190 -6.43 -15.31 -15.29
CA LYS A 190 -5.94 -16.53 -15.95
C LYS A 190 -4.85 -17.27 -15.18
N LEU A 191 -4.29 -16.63 -14.17
CA LEU A 191 -3.30 -17.26 -13.31
C LEU A 191 -3.97 -18.38 -12.52
N SER A 192 -3.18 -19.39 -12.15
CA SER A 192 -3.67 -20.42 -11.23
C SER A 192 -3.56 -19.89 -9.80
N ALA A 193 -4.24 -20.55 -8.87
CA ALA A 193 -4.24 -20.12 -7.47
C ALA A 193 -2.83 -20.04 -6.88
N GLN A 194 -1.93 -20.93 -7.32
CA GLN A 194 -0.55 -20.96 -6.80
C GLN A 194 0.31 -19.76 -7.20
N GLN A 195 -0.07 -19.07 -8.28
CA GLN A 195 0.72 -17.95 -8.80
C GLN A 195 0.21 -16.57 -8.33
N ARG A 196 -1.01 -16.53 -7.79
CA ARG A 196 -1.62 -15.28 -7.35
C ARG A 196 -1.06 -14.82 -6.02
N ILE A 197 -0.87 -13.52 -5.89
CA ILE A 197 -0.25 -12.95 -4.68
C ILE A 197 -1.30 -12.56 -3.65
N TRP A 198 -1.07 -13.01 -2.41
CA TRP A 198 -1.93 -12.72 -1.26
C TRP A 198 -1.29 -11.61 -0.43
N PRO A 199 -2.10 -10.74 0.22
CA PRO A 199 -3.57 -10.79 0.30
C PRO A 199 -4.35 -10.18 -0.86
N ALA A 200 -3.68 -9.68 -1.90
CA ALA A 200 -4.44 -9.17 -3.05
C ALA A 200 -5.39 -10.23 -3.64
N ALA A 201 -5.00 -11.51 -3.56
CA ALA A 201 -5.76 -12.62 -4.14
C ALA A 201 -7.08 -12.93 -3.39
N TYR A 202 -7.25 -12.33 -2.21
CA TYR A 202 -8.51 -12.43 -1.49
C TYR A 202 -9.63 -12.07 -2.46
N HIS A 203 -10.59 -12.98 -2.59
CA HIS A 203 -11.63 -12.86 -3.63
C HIS A 203 -12.99 -13.24 -3.09
N PRO A 204 -13.53 -12.43 -2.16
CA PRO A 204 -14.78 -12.82 -1.49
C PRO A 204 -15.93 -12.92 -2.48
N VAL A 205 -16.83 -13.88 -2.26
CA VAL A 205 -17.96 -14.03 -3.16
C VAL A 205 -19.32 -13.72 -2.54
N SER A 206 -19.42 -13.78 -1.21
CA SER A 206 -20.67 -13.39 -0.57
C SER A 206 -20.85 -11.88 -0.57
N SER A 207 -22.11 -11.46 -0.64
CA SER A 207 -22.44 -10.03 -0.59
C SER A 207 -21.84 -9.33 0.64
N VAL A 208 -21.95 -9.97 1.79
CA VAL A 208 -21.47 -9.39 3.05
C VAL A 208 -19.94 -9.23 3.04
N ASN A 209 -19.23 -10.29 2.65
CA ASN A 209 -17.77 -10.24 2.61
C ASN A 209 -17.22 -9.28 1.55
N LYS A 210 -17.92 -9.13 0.42
CA LYS A 210 -17.52 -8.14 -0.58
C LYS A 210 -17.68 -6.73 -0.02
N LYS A 211 -18.82 -6.46 0.60
CA LYS A 211 -19.15 -5.15 1.15
C LYS A 211 -18.24 -4.72 2.29
N GLN A 212 -17.82 -5.66 3.13
CA GLN A 212 -16.87 -5.35 4.22
C GLN A 212 -15.39 -5.62 3.92
N ASP A 213 -15.08 -6.01 2.68
CA ASP A 213 -13.71 -6.34 2.26
C ASP A 213 -12.70 -5.23 2.66
N PRO A 214 -11.73 -5.55 3.53
CA PRO A 214 -10.76 -4.57 4.02
C PRO A 214 -9.49 -4.41 3.15
N VAL A 215 -9.42 -5.18 2.05
CA VAL A 215 -8.26 -5.13 1.14
C VAL A 215 -8.52 -4.14 -0.02
N ILE A 216 -7.52 -3.31 -0.31
CA ILE A 216 -7.51 -2.44 -1.48
C ILE A 216 -6.36 -2.89 -2.37
N ARG A 217 -6.70 -3.43 -3.54
CA ARG A 217 -5.75 -4.09 -4.44
C ARG A 217 -5.29 -3.09 -5.48
N VAL A 218 -3.97 -2.89 -5.55
CA VAL A 218 -3.41 -1.78 -6.31
C VAL A 218 -2.58 -2.25 -7.52
N ALA A 219 -2.91 -1.74 -8.70
CA ALA A 219 -2.10 -1.92 -9.92
C ALA A 219 -1.25 -0.67 -10.24
N ALA A 220 -0.25 -0.83 -11.12
CA ALA A 220 0.74 0.23 -11.38
C ALA A 220 0.58 0.87 -12.76
N LEU A 221 0.59 2.19 -12.77
CA LEU A 221 0.42 2.97 -14.01
C LEU A 221 1.74 3.45 -14.55
N ALA A 222 1.82 3.56 -15.88
CA ALA A 222 2.92 4.23 -16.55
C ALA A 222 2.87 5.73 -16.25
N GLN A 223 4.01 6.39 -16.41
CA GLN A 223 4.10 7.82 -16.18
C GLN A 223 3.10 8.58 -17.06
N TYR A 224 2.43 9.55 -16.45
CA TYR A 224 1.51 10.43 -17.14
C TYR A 224 1.47 11.81 -16.47
N ARG A 225 1.01 12.81 -17.22
CA ARG A 225 0.75 14.12 -16.67
C ARG A 225 -0.76 14.22 -16.46
N LYS A 226 -1.18 14.97 -15.44
CA LYS A 226 -2.59 15.26 -15.26
C LYS A 226 -3.19 15.72 -16.58
N GLY A 227 -4.34 15.15 -16.96
CA GLY A 227 -4.94 15.44 -18.26
C GLY A 227 -4.72 14.35 -19.29
N GLU A 228 -3.61 13.61 -19.16
CA GLU A 228 -3.33 12.48 -20.04
C GLU A 228 -4.06 11.23 -19.53
N THR A 229 -4.49 10.37 -20.45
CA THR A 229 -5.14 9.10 -20.08
C THR A 229 -4.06 8.08 -19.68
N PRO A 230 -4.09 7.62 -18.42
CA PRO A 230 -3.12 6.63 -17.95
C PRO A 230 -3.30 5.28 -18.60
N VAL A 231 -2.19 4.55 -18.69
CA VAL A 231 -2.18 3.16 -19.06
C VAL A 231 -1.41 2.41 -17.97
N LEU A 232 -1.67 1.12 -17.81
CA LEU A 232 -0.93 0.31 -16.85
C LEU A 232 0.52 0.16 -17.31
N HIS A 233 1.45 0.21 -16.34
CA HIS A 233 2.86 -0.08 -16.58
C HIS A 233 2.98 -1.50 -17.09
N GLY A 234 3.68 -1.67 -18.21
CA GLY A 234 3.78 -2.96 -18.88
C GLY A 234 5.16 -3.56 -18.71
N GLY A 235 5.32 -4.80 -19.18
CA GLY A 235 6.59 -5.51 -19.08
C GLY A 235 6.47 -6.88 -18.45
N GLY A 236 7.33 -7.81 -18.86
CA GLY A 236 7.33 -9.16 -18.30
C GLY A 236 8.06 -9.27 -16.97
N ILE A 237 8.78 -8.21 -16.58
CA ILE A 237 9.48 -8.21 -15.31
C ILE A 237 8.73 -7.41 -14.24
N THR A 238 8.67 -6.09 -14.44
CA THR A 238 8.09 -5.17 -13.46
C THR A 238 6.67 -4.71 -13.85
N GLY A 239 6.21 -5.13 -15.03
CA GLY A 239 4.89 -4.76 -15.53
C GLY A 239 3.79 -5.13 -14.55
N SER A 240 2.75 -4.29 -14.49
CA SER A 240 1.65 -4.50 -13.54
C SER A 240 0.82 -5.71 -13.94
N ARG A 241 0.57 -6.59 -12.98
CA ARG A 241 -0.54 -7.53 -13.12
C ARG A 241 -1.86 -6.75 -13.19
N PHE A 242 -2.89 -7.40 -13.72
CA PHE A 242 -4.16 -6.71 -14.00
C PHE A 242 -5.34 -7.67 -14.04
N GLY A 243 -6.53 -7.09 -14.08
CA GLY A 243 -7.74 -7.89 -14.27
C GLY A 243 -8.91 -7.33 -13.51
N ASN A 244 -9.96 -6.99 -14.26
CA ASN A 244 -11.20 -6.56 -13.66
C ASN A 244 -11.67 -7.56 -12.60
N ASN A 245 -12.13 -7.04 -11.46
CA ASN A 245 -12.54 -7.83 -10.29
C ASN A 245 -11.40 -8.42 -9.43
N TRP A 246 -10.15 -8.16 -9.85
CA TRP A 246 -8.98 -8.55 -9.06
C TRP A 246 -8.06 -7.37 -8.72
N VAL A 247 -8.46 -6.17 -9.15
CA VAL A 247 -7.72 -4.93 -8.91
C VAL A 247 -8.75 -3.84 -8.58
N ASP A 248 -8.55 -3.14 -7.45
CA ASP A 248 -9.49 -2.10 -7.02
C ASP A 248 -9.18 -0.70 -7.59
N ILE A 249 -7.90 -0.40 -7.74
CA ILE A 249 -7.43 0.93 -8.13
C ILE A 249 -6.04 0.81 -8.76
N ALA A 250 -5.74 1.74 -9.67
CA ALA A 250 -4.41 1.87 -10.21
C ALA A 250 -3.80 3.20 -9.77
N ALA A 251 -2.48 3.17 -9.57
CA ALA A 251 -1.79 4.34 -9.08
C ALA A 251 -0.45 4.45 -9.79
N PRO A 252 0.16 5.65 -9.78
CA PRO A 252 1.51 5.84 -10.29
C PRO A 252 2.47 4.71 -9.89
N GLY A 253 3.07 4.06 -10.90
CA GLY A 253 3.98 2.96 -10.65
C GLY A 253 5.09 2.81 -11.66
N GLN A 254 5.55 3.91 -12.23
CA GLN A 254 6.70 3.90 -13.16
C GLN A 254 7.64 5.07 -12.89
N ASN A 255 8.95 4.81 -12.96
CA ASN A 255 9.94 5.88 -12.83
C ASN A 255 9.78 6.51 -11.45
N ILE A 256 9.78 5.67 -10.43
CA ILE A 256 9.58 6.12 -9.06
C ILE A 256 10.89 6.10 -8.28
N THR A 257 11.31 7.25 -7.78
CA THR A 257 12.56 7.36 -7.02
C THR A 257 12.30 7.02 -5.54
N PHE A 258 13.19 6.23 -4.94
CA PHE A 258 13.02 5.78 -3.55
C PHE A 258 14.33 5.77 -2.76
N LEU A 259 14.23 5.65 -1.44
CA LEU A 259 15.37 5.65 -0.54
C LEU A 259 15.93 4.23 -0.31
N ARG A 260 17.26 4.12 -0.28
CA ARG A 260 17.95 2.87 0.08
C ARG A 260 18.58 2.97 1.48
N PRO A 261 18.80 1.82 2.17
CA PRO A 261 19.41 1.83 3.51
C PRO A 261 20.79 2.50 3.61
N ASP A 262 21.51 2.59 2.50
CA ASP A 262 22.80 3.27 2.48
C ASP A 262 22.67 4.77 2.16
N ALA A 263 21.44 5.26 2.20
CA ALA A 263 21.11 6.68 2.07
C ALA A 263 21.08 7.25 0.65
N LYS A 264 21.53 6.47 -0.33
CA LYS A 264 21.38 6.91 -1.70
C LYS A 264 20.00 6.51 -2.21
N THR A 265 19.67 6.98 -3.42
CA THR A 265 18.37 6.69 -4.00
C THR A 265 18.48 5.67 -5.13
N GLY A 266 17.37 4.98 -5.39
CA GLY A 266 17.22 4.10 -6.55
C GLY A 266 15.95 4.49 -7.29
N THR A 267 15.74 3.91 -8.46
CA THR A 267 14.55 4.21 -9.25
C THR A 267 13.90 2.91 -9.67
N GLY A 268 12.60 2.78 -9.43
CA GLY A 268 11.90 1.55 -9.72
C GLY A 268 10.56 1.74 -10.38
N SER A 269 10.03 0.63 -10.89
CA SER A 269 8.71 0.59 -11.49
C SER A 269 8.03 -0.67 -11.00
N GLY A 270 6.73 -0.57 -10.77
CA GLY A 270 5.91 -1.73 -10.44
C GLY A 270 4.85 -1.46 -9.40
N THR A 271 4.20 -2.54 -8.99
CA THR A 271 3.06 -2.44 -8.07
C THR A 271 3.44 -2.19 -6.61
N SER A 272 4.68 -2.51 -6.22
CA SER A 272 5.14 -2.21 -4.86
C SER A 272 5.09 -0.71 -4.62
N GLU A 273 5.67 0.05 -5.55
CA GLU A 273 5.71 1.51 -5.48
C GLU A 273 4.31 2.12 -5.51
N ALA A 274 3.46 1.61 -6.42
CA ALA A 274 2.08 2.07 -6.56
C ALA A 274 1.29 1.86 -5.27
N THR A 275 1.46 0.70 -4.65
CA THR A 275 0.82 0.40 -3.39
C THR A 275 1.23 1.42 -2.30
N ALA A 276 2.53 1.72 -2.23
CA ALA A 276 3.04 2.65 -1.22
C ALA A 276 2.36 4.00 -1.34
N ILE A 277 2.21 4.45 -2.57
CA ILE A 277 1.64 5.76 -2.86
C ILE A 277 0.17 5.81 -2.40
N VAL A 278 -0.59 4.74 -2.67
CA VAL A 278 -2.00 4.69 -2.24
C VAL A 278 -2.09 4.75 -0.71
N SER A 279 -1.21 4.00 -0.04
CA SER A 279 -1.12 4.02 1.42
C SER A 279 -0.85 5.41 1.96
N GLY A 280 0.02 6.18 1.28
CA GLY A 280 0.28 7.55 1.71
C GLY A 280 -0.95 8.45 1.61
N VAL A 281 -1.74 8.24 0.56
CA VAL A 281 -2.97 9.02 0.38
C VAL A 281 -3.97 8.63 1.48
N LEU A 282 -4.14 7.33 1.71
CA LEU A 282 -5.01 6.90 2.81
C LEU A 282 -4.53 7.43 4.17
N ALA A 283 -3.22 7.46 4.37
CA ALA A 283 -2.65 8.04 5.61
C ALA A 283 -3.07 9.51 5.78
N ALA A 284 -2.96 10.28 4.70
CA ALA A 284 -3.34 11.69 4.68
C ALA A 284 -4.82 11.87 5.03
N MET A 285 -5.68 11.04 4.43
CA MET A 285 -7.10 11.04 4.75
C MET A 285 -7.36 10.74 6.23
N THR A 286 -6.68 9.71 6.75
CA THR A 286 -6.94 9.26 8.14
C THR A 286 -6.63 10.35 9.17
N SER A 287 -5.68 11.23 8.85
CA SER A 287 -5.35 12.35 9.72
C SER A 287 -6.59 13.17 10.07
N CYS A 288 -7.54 13.24 9.13
CA CYS A 288 -8.77 14.03 9.28
C CYS A 288 -9.85 13.39 10.15
N ASN A 289 -9.82 12.06 10.24
CA ASN A 289 -10.68 11.32 11.17
C ASN A 289 -10.18 9.90 11.33
N PRO A 290 -9.29 9.67 12.30
CA PRO A 290 -8.70 8.34 12.51
C PRO A 290 -9.71 7.33 13.06
N ARG A 291 -10.81 7.82 13.61
CA ARG A 291 -11.87 6.93 14.11
C ARG A 291 -12.88 6.54 13.03
N ALA A 292 -12.68 6.98 11.79
CA ALA A 292 -13.59 6.60 10.70
C ALA A 292 -13.51 5.10 10.43
N THR A 293 -14.58 4.55 9.86
CA THR A 293 -14.60 3.12 9.57
C THR A 293 -13.72 2.85 8.37
N ALA A 294 -13.19 1.63 8.30
CA ALA A 294 -12.48 1.13 7.14
C ALA A 294 -13.34 1.27 5.89
N THR A 295 -14.63 0.93 6.01
CA THR A 295 -15.55 1.01 4.88
C THR A 295 -15.63 2.44 4.33
N GLU A 296 -15.73 3.43 5.21
CA GLU A 296 -15.82 4.83 4.77
C GLU A 296 -14.54 5.32 4.07
N LEU A 297 -13.39 4.99 4.64
CA LEU A 297 -12.09 5.31 4.01
C LEU A 297 -11.99 4.67 2.62
N LYS A 298 -12.27 3.36 2.55
CA LYS A 298 -12.19 2.64 1.28
C LYS A 298 -13.15 3.23 0.24
N ARG A 299 -14.41 3.41 0.63
CA ARG A 299 -15.43 4.02 -0.23
C ARG A 299 -15.00 5.40 -0.75
N THR A 300 -14.56 6.29 0.13
CA THR A 300 -14.16 7.62 -0.32
C THR A 300 -12.99 7.53 -1.32
N LEU A 301 -12.00 6.68 -1.04
CA LEU A 301 -10.90 6.48 -1.99
C LEU A 301 -11.39 6.04 -3.36
N LEU A 302 -12.23 5.02 -3.38
CA LEU A 302 -12.73 4.44 -4.63
C LEU A 302 -13.69 5.35 -5.36
N GLU A 303 -14.64 5.95 -4.64
CA GLU A 303 -15.59 6.88 -5.25
C GLU A 303 -14.90 8.09 -5.86
N SER A 304 -13.89 8.59 -5.17
CA SER A 304 -13.16 9.78 -5.61
C SER A 304 -12.19 9.52 -6.76
N ALA A 305 -11.85 8.24 -6.98
CA ALA A 305 -10.95 7.88 -8.09
C ALA A 305 -11.50 8.35 -9.46
N ASP A 306 -10.60 8.79 -10.34
CA ASP A 306 -10.97 9.06 -11.72
C ASP A 306 -11.30 7.73 -12.43
N LYS A 307 -12.37 7.73 -13.23
CA LYS A 307 -12.81 6.51 -13.89
C LYS A 307 -12.53 6.60 -15.39
N TYR A 308 -11.71 5.68 -15.91
CA TYR A 308 -11.36 5.63 -17.33
C TYR A 308 -11.94 4.41 -18.04
N PRO A 309 -12.85 4.64 -19.02
CA PRO A 309 -13.48 3.51 -19.71
C PRO A 309 -12.45 2.59 -20.35
N SER A 310 -11.32 3.16 -20.78
CA SER A 310 -10.24 2.39 -21.41
C SER A 310 -9.57 1.39 -20.47
N LEU A 311 -9.75 1.58 -19.16
CA LEU A 311 -9.08 0.75 -18.14
C LEU A 311 -9.99 -0.29 -17.46
N VAL A 312 -11.25 -0.37 -17.89
CA VAL A 312 -12.21 -1.26 -17.24
C VAL A 312 -11.78 -2.75 -17.28
N ASP A 313 -11.17 -3.21 -18.37
CA ASP A 313 -10.70 -4.62 -18.42
C ASP A 313 -9.57 -4.91 -17.43
N LYS A 314 -8.81 -3.87 -17.06
CA LYS A 314 -7.59 -4.00 -16.27
C LYS A 314 -7.85 -3.72 -14.78
N VAL A 315 -8.84 -2.88 -14.49
CA VAL A 315 -9.10 -2.38 -13.13
C VAL A 315 -10.62 -2.25 -12.95
N THR A 316 -11.12 -2.70 -11.80
CA THR A 316 -12.54 -2.53 -11.49
C THR A 316 -12.93 -1.07 -11.69
N GLU A 317 -13.91 -0.88 -12.55
CA GLU A 317 -14.45 0.42 -12.93
C GLU A 317 -13.43 1.42 -13.48
N GLY A 318 -12.28 0.92 -13.91
CA GLY A 318 -11.25 1.78 -14.51
C GLY A 318 -10.69 2.84 -13.57
N ARG A 319 -10.68 2.54 -12.27
CA ARG A 319 -10.30 3.50 -11.24
C ARG A 319 -8.83 3.90 -11.21
N VAL A 320 -8.60 5.21 -11.21
CA VAL A 320 -7.26 5.76 -11.10
C VAL A 320 -7.22 6.73 -9.91
N LEU A 321 -6.20 6.55 -9.08
CA LEU A 321 -5.98 7.34 -7.88
C LEU A 321 -6.04 8.84 -8.15
N ASN A 322 -6.95 9.52 -7.44
CA ASN A 322 -7.03 10.97 -7.45
C ASN A 322 -6.97 11.43 -5.99
N ALA A 323 -5.78 11.89 -5.58
CA ALA A 323 -5.52 12.27 -4.19
C ALA A 323 -6.24 13.55 -3.82
N GLU A 324 -6.31 14.50 -4.76
CA GLU A 324 -6.98 15.77 -4.52
C GLU A 324 -8.43 15.53 -4.11
N LYS A 325 -9.14 14.75 -4.91
CA LYS A 325 -10.52 14.42 -4.64
C LYS A 325 -10.71 13.54 -3.39
N ALA A 326 -9.88 12.51 -3.23
CA ALA A 326 -9.93 11.65 -2.04
C ALA A 326 -9.77 12.43 -0.75
N ILE A 327 -8.72 13.26 -0.69
CA ILE A 327 -8.39 14.01 0.51
C ILE A 327 -9.43 15.10 0.75
N SER A 328 -9.76 15.86 -0.29
CA SER A 328 -10.81 16.88 -0.23
C SER A 328 -12.13 16.31 0.30
N MET A 329 -12.62 15.24 -0.32
CA MET A 329 -13.88 14.61 0.10
C MET A 329 -13.86 14.14 1.55
N PHE A 330 -12.82 13.39 1.91
CA PHE A 330 -12.77 12.82 3.24
C PHE A 330 -12.59 13.89 4.31
N CYS A 331 -11.68 14.83 4.05
CA CYS A 331 -11.37 15.86 5.03
C CYS A 331 -12.44 16.95 5.15
N LYS A 332 -13.12 17.27 4.05
CA LYS A 332 -14.20 18.28 4.06
C LYS A 332 -15.35 17.85 4.97
#